data_8SYK
#
_entry.id   8SYK
#
_cell.length_a   81.223
_cell.length_b   81.223
_cell.length_c   528.831
_cell.angle_alpha   90.00
_cell.angle_beta   90.00
_cell.angle_gamma   90.00
#
_symmetry.space_group_name_H-M   'P 43 21 2'
#
loop_
_entity.id
_entity.type
_entity.pdbx_description
1 polymer 'RNA device 43 truncation mutant 3 (U100C)'
2 non-polymer "GUANOSINE-5'-TRIPHOSPHATE"
3 non-polymer TETRACYCLINE
4 non-polymer 'MAGNESIUM ION'
5 water water
#
_entity_poly.entity_id   1
_entity_poly.type   'polyribonucleotide'
_entity_poly.pdbx_seq_one_letter_code
;CAGGUACAUCCAGCUGAUGAGUCCCAAAUAGGACAAAAAGGGAGAGGUGAAGAAUACGACCACCUAGGCUCGAAAGAGCC
UAAAACAUACCCUUCCUGGAUUCCUGC
;
_entity_poly.pdbx_strand_id   A,B,C,D
#
loop_
_chem_comp.id
_chem_comp.type
_chem_comp.name
_chem_comp.formula
A RNA linking ADENOSINE-5'-MONOPHOSPHATE 'C10 H14 N5 O7 P'
C RNA linking CYTIDINE-5'-MONOPHOSPHATE 'C9 H14 N3 O8 P'
G RNA linking GUANOSINE-5'-MONOPHOSPHATE 'C10 H14 N5 O8 P'
GTP non-polymer GUANOSINE-5'-TRIPHOSPHATE 'C10 H16 N5 O14 P3'
MG non-polymer 'MAGNESIUM ION' 'Mg 2'
TAC non-polymer TETRACYCLINE 'C22 H24 N2 O8'
U RNA linking URIDINE-5'-MONOPHOSPHATE 'C9 H13 N2 O9 P'
#
# COMPACT_ATOMS: atom_id res chain seq x y z
PG GTP E . -36.85 7.54 7.52
O1G GTP E . -38.01 8.45 7.82
O2G GTP E . -35.59 8.09 8.13
O3G GTP E . -36.68 7.42 6.02
O3B GTP E . -37.19 6.10 8.14
PB GTP E . -38.47 5.27 7.65
O1B GTP E . -39.67 6.19 7.58
O2B GTP E . -38.75 4.09 8.55
O3A GTP E . -38.07 4.80 6.17
PA GTP E . -37.24 3.43 5.93
O1A GTP E . -36.04 3.72 5.05
O2A GTP E . -36.78 2.82 7.24
O5' GTP E . -38.24 2.43 5.16
C5' GTP E . -37.80 1.83 3.97
C4' GTP E . -38.68 2.17 2.77
O4' GTP E . -39.37 3.40 2.94
C3' GTP E . -37.84 2.36 1.53
O3' GTP E . -37.59 1.13 0.90
C2' GTP E . -38.67 3.30 0.69
O2' GTP E . -39.55 2.58 -0.14
C1' GTP E . -39.46 4.11 1.72
N9 GTP E . -38.79 5.40 1.91
C8 GTP E . -38.25 5.83 3.10
N7 GTP E . -37.73 7.06 2.92
C5 GTP E . -37.93 7.44 1.64
C6 GTP E . -37.60 8.59 0.95
O6 GTP E . -37.01 9.49 1.54
N1 GTP E . -37.94 8.71 -0.38
C2 GTP E . -38.61 7.67 -1.02
N2 GTP E . -38.94 7.79 -2.29
N3 GTP E . -38.94 6.52 -0.32
C4 GTP E . -38.60 6.40 0.99
C1 TAC F . 21.39 -14.21 11.66
O1 TAC F . 20.78 -14.28 12.71
C2 TAC F . 21.21 -13.17 10.84
C21 TAC F . 20.64 -11.93 11.34
O21 TAC F . 21.10 -10.86 10.98
N21 TAC F . 19.62 -12.00 12.20
C3 TAC F . 21.58 -13.27 9.56
O3 TAC F . 21.88 -12.17 8.87
C4 TAC F . 21.65 -14.62 8.88
N4 TAC F . 22.60 -14.61 7.75
C42 TAC F . 22.50 -15.88 7.01
C43 TAC F . 24.00 -14.40 8.17
C41 TAC F . 21.92 -15.76 9.87
C5 TAC F . 20.62 -16.54 10.01
C51 TAC F . 20.70 -17.74 10.94
C6 TAC F . 19.29 -18.16 11.35
C62 TAC F . 18.49 -18.59 10.13
O6 TAC F . 18.62 -17.06 11.98
C61 TAC F . 19.36 -19.31 12.33
C7 TAC F . 18.39 -20.30 12.33
C8 TAC F . 18.47 -21.35 13.23
C9 TAC F . 19.52 -21.39 14.14
C10 TAC F . 20.50 -20.40 14.13
O10 TAC F . 21.52 -20.45 15.02
C1A TAC F . 20.41 -19.36 13.23
C11 TAC F . 21.45 -18.28 13.21
O11 TAC F . 22.22 -18.16 14.14
C1B TAC F . 21.53 -17.45 12.17
C12 TAC F . 22.37 -16.41 12.23
O12 TAC F . 23.25 -16.39 13.23
C1C TAC F . 22.36 -15.27 11.25
O1C TAC F . 23.68 -14.71 11.20
MG MG G . -6.81 -0.22 10.74
MG MG H . -35.90 9.46 5.53
MG MG I . -38.97 14.39 4.99
MG MG J . -35.13 18.32 3.41
MG MG K . 6.10 -10.38 13.84
MG MG L . 24.16 -17.80 14.62
MG MG M . 21.81 -33.18 18.56
MG MG N . 22.64 -31.71 21.41
MG MG O . -38.30 0.86 6.92
MG MG P . -40.79 5.40 9.49
MG MG Q . -39.63 2.35 9.35
MG MG R . -12.69 3.98 24.59
MG MG S . -28.40 3.91 -0.92
MG MG T . 27.13 -27.88 15.46
MG MG U . 34.24 -16.68 13.81
MG MG V . -14.40 4.78 -1.95
MG MG W . -39.92 8.21 8.92
MG MG X . -35.04 6.09 9.29
MG MG Y . -38.35 11.37 7.35
MG MG Z . 16.27 -22.93 23.44
MG MG AA . -17.39 -2.57 18.09
PG GTP BA . -26.50 47.24 11.26
O1G GTP BA . -27.46 47.00 10.12
O2G GTP BA . -26.34 45.97 12.04
O3G GTP BA . -27.08 48.31 12.17
O3B GTP BA . -25.08 47.68 10.63
PB GTP BA . -24.56 49.20 10.57
O1B GTP BA . -23.96 49.48 9.21
O2B GTP BA . -25.65 50.20 10.88
O3A GTP BA . -23.42 49.23 11.70
PA GTP BA . -21.95 48.64 11.38
O1A GTP BA . -22.03 47.13 11.34
O2A GTP BA . -21.37 49.20 10.10
O5' GTP BA . -21.04 49.07 12.64
C5' GTP BA . -20.83 48.11 13.67
C4' GTP BA . -20.73 48.76 15.04
O4' GTP BA . -21.97 49.30 15.44
C3' GTP BA . -20.36 47.71 16.06
O3' GTP BA . -18.96 47.66 16.14
C2' GTP BA . -21.01 48.24 17.32
O2' GTP BA . -20.14 49.13 18.00
C1' GTP BA . -22.23 48.99 16.80
N9 GTP BA . -23.39 48.09 16.82
C8 GTP BA . -24.17 47.83 15.73
N7 GTP BA . -25.15 46.97 16.09
C5 GTP BA . -25.01 46.69 17.40
C6 GTP BA . -25.75 45.88 18.26
O6 GTP BA . -26.73 45.26 17.83
N1 GTP BA . -25.39 45.78 19.58
C2 GTP BA . -24.29 46.49 20.05
N2 GTP BA . -23.94 46.40 21.33
N3 GTP BA . -23.56 47.29 19.19
C4 GTP BA . -23.92 47.39 17.88
C1 TAC CA . -1.60 -2.97 -13.55
O1 TAC CA . -2.14 -2.26 -14.38
C2 TAC CA . -2.07 -3.11 -12.32
C21 TAC CA . -3.51 -3.14 -12.10
O21 TAC CA . -3.94 -3.29 -10.97
N21 TAC CA . -4.33 -3.03 -13.15
C3 TAC CA . -1.24 -3.22 -11.28
O3 TAC CA . -1.76 -3.24 -10.06
C4 TAC CA . 0.25 -3.31 -11.44
N4 TAC CA . 0.77 -4.47 -10.66
C42 TAC CA . 2.19 -4.68 -10.99
C43 TAC CA . 0.02 -5.70 -10.92
C41 TAC CA . 0.73 -3.32 -12.89
C5 TAC CA . 1.20 -1.92 -13.23
C51 TAC CA . 1.89 -1.87 -14.59
C6 TAC CA . 2.10 -0.41 -14.98
C62 TAC CA . 3.02 0.29 -13.99
O6 TAC CA . 0.85 0.26 -14.98
C61 TAC CA . 2.70 -0.35 -16.36
C7 TAC CA . 3.59 0.66 -16.70
C8 TAC CA . 4.12 0.71 -17.98
C9 TAC CA . 3.75 -0.25 -18.91
C10 TAC CA . 2.86 -1.25 -18.57
O10 TAC CA . 2.51 -2.18 -19.48
C1A TAC CA . 2.33 -1.29 -17.29
C11 TAC CA . 1.36 -2.38 -16.91
O11 TAC CA . 0.86 -3.06 -17.79
C1B TAC CA . 1.07 -2.56 -15.63
C12 TAC CA . 0.06 -3.38 -15.33
O12 TAC CA . -0.61 -3.95 -16.33
C1C TAC CA . -0.34 -3.71 -13.91
O1C TAC CA . -0.59 -5.13 -13.87
MG MG DA . 11.51 1.25 -29.27
MG MG EA . 2.25 -4.22 -18.74
MG MG FA . -28.22 49.29 13.60
MG MG GA . 21.62 -18.67 -27.59
MG MG HA . -27.55 50.77 10.98
MG MG IA . 42.71 0.09 -28.73
MG MG JA . 23.25 -22.04 -29.33
MG MG KA . 11.52 -4.43 -26.03
MG MG LA . 35.20 -6.81 -28.62
MG MG MA . 1.66 -13.98 -20.02
MG MG NA . 10.82 2.32 -31.59
MG MG OA . -1.68 -13.41 -13.59
PG GTP PA . 42.06 -5.40 -6.70
O1G GTP PA . 43.36 -4.98 -6.05
O2G GTP PA . 41.06 -5.71 -5.62
O3G GTP PA . 42.28 -6.64 -7.52
O3B GTP PA . 41.54 -4.18 -7.61
PB GTP PA . 42.31 -3.78 -8.96
O1B GTP PA . 43.05 -2.48 -8.76
O2B GTP PA . 43.23 -4.88 -9.44
O3A GTP PA . 41.11 -3.54 -10.02
PA GTP PA . 40.23 -2.20 -9.90
O1A GTP PA . 39.48 -2.24 -8.60
O2A GTP PA . 41.08 -0.95 -10.03
O5' GTP PA . 39.18 -2.31 -11.12
C5' GTP PA . 38.10 -3.20 -11.00
C4' GTP PA . 37.85 -3.97 -12.30
O4' GTP PA . 38.69 -5.09 -12.38
C3' GTP PA . 36.43 -4.47 -12.27
O3' GTP PA . 35.58 -3.53 -12.88
C2' GTP PA . 36.52 -5.80 -13.01
O2' GTP PA . 36.26 -5.63 -14.39
C1' GTP PA . 37.95 -6.24 -12.76
N9 GTP PA . 37.99 -7.15 -11.60
C8 GTP PA . 38.73 -6.91 -10.47
N7 GTP PA . 38.54 -7.92 -9.60
C5 GTP PA . 37.70 -8.81 -10.15
C6 GTP PA . 37.20 -10.02 -9.68
O6 GTP PA . 37.52 -10.42 -8.56
N1 GTP PA . 36.33 -10.75 -10.47
C2 GTP PA . 35.98 -10.28 -11.73
N2 GTP PA . 35.16 -10.99 -12.48
N3 GTP PA . 36.49 -9.07 -12.19
C4 GTP PA . 37.33 -8.35 -11.42
C1 TAC QA . 2.02 25.74 31.16
O1 TAC QA . 3.06 26.22 31.56
C2 TAC QA . 2.00 24.49 30.69
C21 TAC QA . 3.12 23.60 31.00
O21 TAC QA . 3.42 22.72 30.21
N21 TAC QA . 3.80 23.79 32.13
C3 TAC QA . 0.98 24.04 29.95
O3 TAC QA . 0.89 22.73 29.72
C4 TAC QA . -0.05 24.96 29.35
N4 TAC QA . -1.44 24.44 29.49
C42 TAC QA . -2.42 25.51 29.23
C43 TAC QA . -1.74 23.85 30.80
C41 TAC QA . 0.11 26.42 29.81
C5 TAC QA . 0.97 27.11 28.76
C51 TAC QA . 1.40 28.54 29.08
C6 TAC QA . 2.73 28.83 28.38
C62 TAC QA . 2.64 28.60 26.88
O6 TAC QA . 3.73 27.96 28.94
C61 TAC QA . 3.12 30.26 28.68
C7 TAC QA . 3.72 31.04 27.70
C8 TAC QA . 4.07 32.35 28.00
C9 TAC QA . 3.83 32.87 29.27
C10 TAC QA . 3.23 32.07 30.24
O10 TAC QA . 2.98 32.56 31.48
C1A TAC QA . 2.88 30.77 29.93
C11 TAC QA . 2.23 29.87 30.95
O11 TAC QA . 2.32 30.12 32.14
C1B TAC QA . 1.56 28.79 30.55
C12 TAC QA . 1.04 27.99 31.47
O12 TAC QA . 0.75 28.49 32.67
C1C TAC QA . 0.75 26.54 31.18
O1C TAC QA . -0.10 26.02 32.21
MG MG RA . 24.28 11.70 17.35
MG MG SA . 44.88 -6.40 -9.37
MG MG TA . 0.73 30.54 33.41
MG MG UA . 4.65 45.46 29.61
MG MG VA . 13.17 19.61 23.55
MG MG WA . -4.63 30.61 40.24
MG MG XA . 37.13 6.73 21.53
MG MG YA . 13.95 20.41 11.31
MG MG ZA . 44.74 -3.17 -10.26
MG MG AB . -25.01 52.34 10.25
MG MG BB . 24.09 -1.58 -3.53
MG MG CB . -0.85 40.56 34.12
MG MG DB . 28.13 -4.41 -4.87
MG MG EB . 35.16 10.36 11.26
MG MG FB . -8.64 54.06 31.46
MG MG GB . -15.79 58.68 26.99
PG GTP HB . 25.05 -52.18 -11.30
O1G GTP HB . 25.94 -53.19 -10.62
O2G GTP HB . 23.63 -52.69 -11.25
O3G GTP HB . 25.48 -52.02 -12.73
O3B GTP HB . 25.18 -50.79 -10.50
PB GTP HB . 24.42 -49.46 -11.01
O1B GTP HB . 25.17 -48.23 -10.59
O2B GTP HB . 24.22 -49.47 -12.51
O3A GTP HB . 23.02 -49.50 -10.23
PA GTP HB . 22.95 -50.12 -8.75
O1A GTP HB . 21.74 -49.57 -8.03
O2A GTP HB . 22.93 -51.63 -8.77
O5' GTP HB . 24.30 -49.61 -8.03
C5' GTP HB . 24.61 -50.15 -6.75
C4' GTP HB . 25.63 -49.28 -6.00
O4' GTP HB . 26.93 -49.50 -6.52
C3' GTP HB . 25.39 -47.79 -6.15
O3' GTP HB . 24.54 -47.31 -5.13
C2' GTP HB . 26.79 -47.21 -6.02
O2' GTP HB . 27.05 -46.89 -4.68
C1' GTP HB . 27.72 -48.32 -6.48
N9 GTP HB . 28.16 -48.03 -7.85
C8 GTP HB . 27.59 -48.56 -8.98
N7 GTP HB . 28.24 -48.08 -10.05
C5 GTP HB . 29.21 -47.24 -9.64
C6 GTP HB . 30.15 -46.50 -10.35
O6 GTP HB . 30.17 -46.55 -11.58
N1 GTP HB . 31.05 -45.71 -9.66
C2 GTP HB . 31.00 -45.68 -8.28
N2 GTP HB . 31.88 -44.92 -7.62
N3 GTP HB . 30.07 -46.41 -7.59
C4 GTP HB . 29.18 -47.20 -8.25
C1 TAC IB . -19.36 -10.71 -28.74
O1 TAC IB . -19.69 -11.84 -29.05
C2 TAC IB . -18.11 -10.29 -28.86
C21 TAC IB . -17.30 -10.79 -29.96
O21 TAC IB . -16.16 -10.37 -30.11
N21 TAC IB . -17.83 -11.69 -30.79
C3 TAC IB . -17.57 -9.43 -27.99
O3 TAC IB . -16.29 -9.13 -28.09
C4 TAC IB . -18.40 -8.78 -26.90
N4 TAC IB . -18.24 -7.30 -26.93
C42 TAC IB . -19.27 -6.68 -26.08
C43 TAC IB . -18.32 -6.74 -28.29
C41 TAC IB . -19.86 -9.24 -26.88
C5 TAC IB . -19.96 -10.38 -25.87
C51 TAC IB . -21.37 -10.85 -25.66
C6 TAC IB . -21.34 -12.24 -25.01
C62 TAC IB . -20.68 -12.18 -23.64
O6 TAC IB . -20.58 -13.11 -25.84
C61 TAC IB . -22.74 -12.77 -24.88
C7 TAC IB . -23.05 -13.64 -23.85
C8 TAC IB . -24.33 -14.14 -23.72
C9 TAC IB . -25.31 -13.78 -24.64
C10 TAC IB . -24.99 -12.91 -25.68
O10 TAC IB . -25.94 -12.54 -26.58
C1A TAC IB . -23.71 -12.42 -25.80
C11 TAC IB . -23.36 -11.48 -26.91
O11 TAC IB . -24.19 -11.24 -27.79
C1B TAC IB . -22.16 -10.92 -26.94
C12 TAC IB . -21.70 -10.43 -28.08
O12 TAC IB . -22.46 -10.55 -29.17
C1C TAC IB . -20.38 -9.73 -28.22
O1C TAC IB . -20.55 -8.66 -29.14
MG MG JB . 2.95 -31.09 -25.57
MG MG KB . -37.83 -16.38 -20.66
MG MG LB . -28.50 -3.06 -33.59
MG MG MB . -25.08 -9.74 -29.04
MG MG NB . 27.44 -53.61 -12.67
MG MG OB . -15.37 -8.02 -29.77
MG MG PB . -52.63 -6.68 -1.36
MG MG QB . -50.83 1.55 -9.08
MG MG RB . -35.82 -10.43 -23.79
MG MG SB . -20.56 -0.83 -35.13
MG MG TB . -42.26 -19.57 -18.10
MG MG UB . 21.75 -38.69 -9.97
#